data_6EU6
#
_entry.id   6EU6
#
_cell.length_a   99.745
_cell.length_b   99.745
_cell.length_c   89.069
_cell.angle_alpha   90.00
_cell.angle_beta   90.00
_cell.angle_gamma   120.00
#
_symmetry.space_group_name_H-M   'P 63'
#
loop_
_entity.id
_entity.type
_entity.pdbx_description
1 polymer 'Ammonium transporter'
2 non-polymer '2-(N-MORPHOLINO)-ETHANESULFONIC ACID'
3 non-polymer 'nonyl 4-O-alpha-D-glucopyranosyl-beta-D-glucopyranoside'
4 non-polymer DODECYL-BETA-D-MALTOSIDE
5 non-polymer 'AMMONIUM ION'
6 non-polymer 'SULFATE ION'
7 water water
#
_entity_poly.entity_id   1
_entity_poly.type   'polypeptide(L)'
_entity_poly.pdbx_seq_one_letter_code
;MENIQININHLWVIMAACMVFLMQLGFTSYETGFSQSKNAISIALRNLVDTLISSLVFFSVGFGFMFGKSYMGLIGIDLF
FANDLALHPNTLSYSFFFFQMVFASTAATILTGAIAERSGFIPNIAGTAFIVAIIYPIFGHWAWGNLFSPDQTGWLKELG
FIDFAGATVVHSIGGWFAMAAAIMVGPRIDKYNPDGSSNRIGLHNVPLATLGTFFLWFGWFGFNGGSLLRVSVNIGLVIL
NTNMAAASAGVSALIFIYATRKRIEAGSLFTAILAGLVAITASSNMVTPVSAVAIGLITGILAIIAEGFIEKTLKIDDPV
SAIAVHGVGGVIGTLCVAIFAQKSYLLAENGSRMHQLGIQALGVIVAFSWSFGLGMLFFLCLKKVKRLRVTPEEEKRGLN
VAEAA
;
_entity_poly.pdbx_strand_id   A
#
loop_
_chem_comp.id
_chem_comp.type
_chem_comp.name
_chem_comp.formula
LMT D-saccharide DODECYL-BETA-D-MALTOSIDE 'C24 H46 O11'
MES non-polymer '2-(N-MORPHOLINO)-ETHANESULFONIC ACID' 'C6 H13 N O4 S'
NH4 non-polymer 'AMMONIUM ION' 'H4 N 1'
SO4 non-polymer 'SULFATE ION' 'O4 S -2'
ZDM saccharide 'nonyl 4-O-alpha-D-glucopyranosyl-beta-D-glucopyranoside' 'C21 H40 O11'
#
# COMPACT_ATOMS: atom_id res chain seq x y z
N MET A 1 -6.67 -31.03 18.78
CA MET A 1 -5.27 -30.70 19.26
C MET A 1 -4.58 -29.76 18.24
N GLU A 2 -4.25 -30.32 17.09
CA GLU A 2 -3.77 -29.59 15.97
C GLU A 2 -5.05 -28.90 15.40
N ASN A 3 -6.20 -29.57 15.50
CA ASN A 3 -7.46 -29.03 15.01
C ASN A 3 -7.89 -27.81 15.81
N ILE A 4 -7.64 -27.79 17.09
CA ILE A 4 -7.89 -26.60 17.88
C ILE A 4 -6.96 -25.45 17.50
N GLN A 5 -5.64 -25.70 17.33
CA GLN A 5 -4.72 -24.68 16.84
C GLN A 5 -5.14 -24.12 15.45
N ILE A 6 -5.63 -24.99 14.57
CA ILE A 6 -6.12 -24.53 13.27
C ILE A 6 -7.31 -23.58 13.45
N ASN A 7 -8.21 -23.89 14.38
CA ASN A 7 -9.35 -23.03 14.70
C ASN A 7 -8.94 -21.64 15.23
N ILE A 8 -7.95 -21.62 16.11
CA ILE A 8 -7.41 -20.37 16.67
C ILE A 8 -6.78 -19.55 15.52
N ASN A 9 -6.16 -20.23 14.56
CA ASN A 9 -5.44 -19.59 13.49
C ASN A 9 -6.42 -18.94 12.53
N HIS A 10 -7.52 -19.62 12.27
CA HIS A 10 -8.66 -19.01 11.55
C HIS A 10 -9.20 -17.78 12.23
N LEU A 11 -9.44 -17.90 13.52
CA LEU A 11 -9.98 -16.81 14.27
C LEU A 11 -9.10 -15.57 14.13
N TRP A 12 -7.77 -15.74 14.31
CA TRP A 12 -6.90 -14.56 14.28
C TRP A 12 -6.84 -13.98 12.86
N VAL A 13 -6.64 -14.84 11.85
CA VAL A 13 -6.50 -14.35 10.49
C VAL A 13 -7.75 -13.59 10.09
N ILE A 14 -8.93 -14.11 10.45
CA ILE A 14 -10.18 -13.48 10.04
C ILE A 14 -10.41 -12.17 10.81
N MET A 15 -10.06 -12.16 12.08
CA MET A 15 -10.13 -10.90 12.86
C MET A 15 -9.19 -9.82 12.26
N ALA A 16 -7.96 -10.20 11.98
CA ALA A 16 -7.00 -9.32 11.33
C ALA A 16 -7.52 -8.85 10.02
N ALA A 17 -8.16 -9.72 9.26
CA ALA A 17 -8.66 -9.32 7.99
C ALA A 17 -9.74 -8.22 8.13
N CYS A 18 -10.58 -8.40 9.10
CA CYS A 18 -11.61 -7.41 9.37
C CYS A 18 -10.95 -6.07 9.79
N MET A 19 -9.86 -6.13 10.56
CA MET A 19 -9.19 -4.89 10.94
C MET A 19 -8.63 -4.19 9.68
N VAL A 20 -8.07 -4.99 8.79
CA VAL A 20 -7.59 -4.45 7.50
C VAL A 20 -8.70 -3.91 6.61
N PHE A 21 -9.88 -4.55 6.67
CA PHE A 21 -11.02 -3.96 5.96
C PHE A 21 -11.29 -2.52 6.46
N LEU A 22 -11.17 -2.35 7.76
CA LEU A 22 -11.43 -1.05 8.37
C LEU A 22 -10.41 0.05 7.95
N MET A 23 -9.25 -0.37 7.46
CA MET A 23 -8.33 0.56 6.79
C MET A 23 -8.98 1.21 5.61
N GLN A 24 -9.92 0.55 4.95
CA GLN A 24 -10.60 1.17 3.81
C GLN A 24 -11.33 2.48 4.25
N LEU A 25 -11.90 2.40 5.43
CA LEU A 25 -12.48 3.58 6.10
C LEU A 25 -11.40 4.60 6.47
N GLY A 26 -10.26 4.10 6.97
CA GLY A 26 -9.08 4.92 7.19
C GLY A 26 -8.65 5.74 6.01
N PHE A 27 -8.48 5.09 4.85
CA PHE A 27 -8.11 5.80 3.68
C PHE A 27 -9.20 6.78 3.28
N THR A 28 -10.46 6.40 3.42
CA THR A 28 -11.56 7.31 3.06
C THR A 28 -11.46 8.61 3.90
N SER A 29 -11.27 8.46 5.22
CA SER A 29 -11.18 9.67 6.08
C SER A 29 -9.96 10.47 5.78
N TYR A 30 -8.81 9.79 5.71
CA TYR A 30 -7.52 10.43 5.45
C TYR A 30 -7.60 11.27 4.14
N GLU A 31 -8.03 10.61 3.06
CA GLU A 31 -8.09 11.29 1.81
C GLU A 31 -9.11 12.46 1.83
N THR A 32 -10.28 12.25 2.44
CA THR A 32 -11.28 13.28 2.54
C THR A 32 -10.67 14.45 3.35
N GLY A 33 -10.02 14.16 4.48
CA GLY A 33 -9.38 15.19 5.25
C GLY A 33 -8.36 16.04 4.49
N PHE A 34 -7.55 15.37 3.69
CA PHE A 34 -6.52 16.02 2.86
C PHE A 34 -7.13 16.78 1.64
N SER A 35 -8.37 16.58 1.36
CA SER A 35 -8.97 17.13 0.17
C SER A 35 -9.53 18.55 0.46
N GLN A 36 -9.75 19.25 -0.62
CA GLN A 36 -10.48 20.50 -0.52
C GLN A 36 -11.88 20.15 -0.24
N SER A 37 -12.49 20.89 0.62
CA SER A 37 -13.86 20.70 1.01
C SER A 37 -14.85 20.52 -0.15
N LYS A 38 -14.70 21.23 -1.28
CA LYS A 38 -15.56 21.04 -2.46
C LYS A 38 -15.50 19.70 -3.20
N ASN A 39 -14.53 18.88 -2.85
CA ASN A 39 -14.34 17.59 -3.49
C ASN A 39 -14.57 16.38 -2.57
N ALA A 40 -14.93 16.64 -1.31
CA ALA A 40 -15.04 15.60 -0.27
C ALA A 40 -16.01 14.52 -0.65
N ILE A 41 -17.12 14.88 -1.32
CA ILE A 41 -18.08 13.89 -1.77
C ILE A 41 -17.45 12.96 -2.77
N SER A 42 -16.72 13.47 -3.77
CA SER A 42 -16.25 12.57 -4.82
C SER A 42 -15.24 11.60 -4.22
N ILE A 43 -14.39 12.09 -3.33
CA ILE A 43 -13.37 11.24 -2.82
C ILE A 43 -13.97 10.15 -1.86
N ALA A 44 -15.01 10.49 -1.10
CA ALA A 44 -15.64 9.48 -0.25
C ALA A 44 -16.22 8.36 -1.12
N LEU A 45 -16.88 8.76 -2.19
CA LEU A 45 -17.51 7.81 -3.07
C LEU A 45 -16.55 6.93 -3.86
N ARG A 46 -15.43 7.50 -4.35
CA ARG A 46 -14.42 6.69 -5.05
C ARG A 46 -13.85 5.61 -4.15
N ASN A 47 -13.57 5.96 -2.89
CA ASN A 47 -13.06 5.01 -1.94
C ASN A 47 -14.04 3.87 -1.61
N LEU A 48 -15.33 4.16 -1.54
CA LEU A 48 -16.31 3.09 -1.34
C LEU A 48 -16.41 2.21 -2.58
N VAL A 49 -16.50 2.83 -3.73
CA VAL A 49 -16.57 2.11 -4.98
C VAL A 49 -15.38 1.21 -5.23
N ASP A 50 -14.15 1.69 -5.02
CA ASP A 50 -13.05 0.82 -5.21
C ASP A 50 -13.09 -0.42 -4.34
N THR A 51 -13.68 -0.36 -3.13
CA THR A 51 -13.76 -1.54 -2.33
C THR A 51 -14.70 -2.57 -3.02
N LEU A 52 -15.81 -2.07 -3.61
CA LEU A 52 -16.73 -2.97 -4.35
C LEU A 52 -15.96 -3.74 -5.48
N ILE A 53 -15.22 -2.97 -6.29
CA ILE A 53 -14.53 -3.44 -7.50
C ILE A 53 -13.39 -4.39 -7.16
N SER A 54 -12.57 -4.01 -6.18
CA SER A 54 -11.42 -4.78 -5.80
C SER A 54 -11.87 -6.13 -5.26
N SER A 55 -12.97 -6.15 -4.50
CA SER A 55 -13.46 -7.42 -3.95
C SER A 55 -13.85 -8.35 -5.09
N LEU A 56 -14.62 -7.87 -6.02
CA LEU A 56 -15.12 -8.78 -7.06
C LEU A 56 -14.02 -9.21 -8.05
N VAL A 57 -13.13 -8.29 -8.40
CA VAL A 57 -12.06 -8.62 -9.36
C VAL A 57 -11.09 -9.59 -8.71
N PHE A 58 -10.81 -9.41 -7.42
CA PHE A 58 -9.87 -10.26 -6.77
C PHE A 58 -10.48 -11.64 -6.53
N PHE A 59 -11.78 -11.67 -6.18
CA PHE A 59 -12.49 -12.95 -6.09
C PHE A 59 -12.42 -13.69 -7.45
N SER A 60 -12.62 -12.98 -8.54
CA SER A 60 -12.81 -13.68 -9.83
C SER A 60 -11.47 -14.16 -10.38
N VAL A 61 -10.54 -13.23 -10.52
CA VAL A 61 -9.23 -13.59 -11.11
C VAL A 61 -8.00 -13.35 -10.30
N GLY A 62 -8.02 -12.28 -9.50
CA GLY A 62 -6.77 -11.90 -8.82
C GLY A 62 -6.18 -12.97 -7.92
N PHE A 63 -7.01 -13.56 -7.06
CA PHE A 63 -6.51 -14.54 -6.15
C PHE A 63 -5.87 -15.71 -6.95
N GLY A 64 -6.49 -16.11 -8.06
CA GLY A 64 -5.95 -17.24 -8.81
C GLY A 64 -4.60 -16.93 -9.43
N PHE A 65 -4.51 -15.78 -10.07
CA PHE A 65 -3.24 -15.35 -10.64
C PHE A 65 -2.14 -15.28 -9.59
N MET A 66 -2.50 -14.86 -8.38
CA MET A 66 -1.53 -14.61 -7.34
C MET A 66 -1.08 -15.90 -6.61
N PHE A 67 -2.04 -16.74 -6.28
CA PHE A 67 -1.79 -17.88 -5.41
C PHE A 67 -2.09 -19.27 -6.02
N GLY A 68 -2.71 -19.31 -7.20
CA GLY A 68 -3.02 -20.56 -7.84
C GLY A 68 -1.76 -21.26 -8.38
N LYS A 69 -2.02 -22.36 -9.08
CA LYS A 69 -0.99 -23.28 -9.39
C LYS A 69 -0.07 -22.54 -10.31
N SER A 70 1.20 -22.57 -9.97
CA SER A 70 2.17 -21.73 -10.64
C SER A 70 2.57 -22.25 -12.02
N TYR A 71 2.52 -21.38 -13.03
CA TYR A 71 3.09 -21.63 -14.33
C TYR A 71 4.45 -20.95 -14.32
N MET A 72 5.49 -21.73 -14.06
CA MET A 72 6.89 -21.26 -14.17
C MET A 72 7.31 -20.17 -13.20
N GLY A 73 6.66 -20.08 -12.02
CA GLY A 73 6.95 -19.03 -11.08
C GLY A 73 6.55 -17.67 -11.56
N LEU A 74 5.73 -17.60 -12.61
CA LEU A 74 5.32 -16.37 -13.24
C LEU A 74 3.89 -15.92 -12.99
N ILE A 75 2.96 -16.86 -12.89
CA ILE A 75 1.55 -16.53 -12.77
C ILE A 75 0.81 -17.80 -12.36
N GLY A 76 -0.21 -17.61 -11.55
CA GLY A 76 -1.04 -18.68 -11.07
C GLY A 76 -2.09 -19.07 -12.09
N ILE A 77 -2.51 -20.32 -12.14
CA ILE A 77 -3.45 -20.70 -13.24
C ILE A 77 -4.66 -21.46 -12.82
N ASP A 78 -4.93 -21.48 -11.54
CA ASP A 78 -6.22 -21.95 -11.06
C ASP A 78 -6.61 -21.16 -9.82
N LEU A 79 -7.66 -21.61 -9.14
CA LEU A 79 -8.30 -20.97 -7.99
C LEU A 79 -9.03 -19.68 -8.39
N PHE A 80 -9.33 -19.56 -9.68
CA PHE A 80 -10.27 -18.56 -10.12
C PHE A 80 -11.65 -18.79 -9.50
N PHE A 81 -12.31 -17.69 -9.06
CA PHE A 81 -13.63 -17.78 -8.43
C PHE A 81 -13.58 -18.65 -7.19
N ALA A 82 -12.38 -18.69 -6.59
CA ALA A 82 -12.11 -19.53 -5.44
C ALA A 82 -12.36 -21.02 -5.72
N ASN A 83 -12.07 -21.46 -6.94
CA ASN A 83 -12.44 -22.83 -7.38
C ASN A 83 -11.68 -23.87 -6.59
N ASP A 84 -12.45 -24.63 -5.81
CA ASP A 84 -11.98 -25.69 -4.98
C ASP A 84 -11.12 -25.26 -3.82
N LEU A 85 -11.35 -24.06 -3.32
CA LEU A 85 -10.54 -23.55 -2.22
C LEU A 85 -10.51 -24.56 -1.08
N ALA A 86 -11.68 -24.94 -0.59
CA ALA A 86 -11.89 -25.99 0.43
C ALA A 86 -11.16 -27.37 0.23
N LEU A 87 -10.79 -27.72 -0.98
CA LEU A 87 -10.06 -28.96 -1.21
C LEU A 87 -8.56 -28.81 -0.96
N HIS A 88 -8.06 -27.60 -1.00
CA HIS A 88 -6.67 -27.43 -0.74
C HIS A 88 -6.43 -27.84 0.66
N PRO A 89 -5.28 -28.42 0.92
CA PRO A 89 -4.80 -28.88 2.22
C PRO A 89 -4.29 -27.71 3.03
N ASN A 90 -4.04 -26.57 2.40
CA ASN A 90 -3.65 -25.38 3.12
C ASN A 90 -4.77 -25.15 4.04
N THR A 91 -4.41 -25.23 5.27
CA THR A 91 -5.32 -25.15 6.34
C THR A 91 -6.24 -23.93 6.51
N LEU A 92 -5.88 -22.75 6.01
CA LEU A 92 -6.68 -21.55 6.26
C LEU A 92 -7.79 -21.16 5.30
N SER A 93 -7.86 -21.86 4.19
CA SER A 93 -8.87 -21.68 3.15
C SER A 93 -9.53 -20.30 2.98
N TYR A 94 -10.80 -20.20 3.32
CA TYR A 94 -11.52 -18.95 3.16
C TYR A 94 -10.96 -17.79 3.97
N SER A 95 -10.44 -18.07 5.15
CA SER A 95 -9.87 -17.04 5.98
C SER A 95 -8.67 -16.41 5.27
N PHE A 96 -7.79 -17.25 4.77
CA PHE A 96 -6.64 -16.81 3.99
C PHE A 96 -7.13 -16.02 2.80
N PHE A 97 -8.13 -16.54 2.10
CA PHE A 97 -8.64 -15.90 0.91
C PHE A 97 -9.16 -14.46 1.22
N PHE A 98 -9.89 -14.30 2.33
CA PHE A 98 -10.45 -13.01 2.61
C PHE A 98 -9.36 -12.03 3.05
N PHE A 99 -8.44 -12.53 3.87
CA PHE A 99 -7.24 -11.79 4.26
C PHE A 99 -6.48 -11.24 3.06
N GLN A 100 -6.29 -12.07 2.05
CA GLN A 100 -5.56 -11.61 0.90
C GLN A 100 -6.46 -10.69 0.07
N MET A 101 -7.80 -10.87 0.08
CA MET A 101 -8.66 -9.94 -0.63
C MET A 101 -8.54 -8.51 -0.07
N VAL A 102 -8.56 -8.39 1.26
CA VAL A 102 -8.47 -7.05 1.81
C VAL A 102 -7.05 -6.45 1.59
N PHE A 103 -6.00 -7.29 1.56
CA PHE A 103 -4.69 -6.80 1.05
C PHE A 103 -4.79 -6.19 -0.36
N ALA A 104 -5.47 -6.88 -1.27
CA ALA A 104 -5.63 -6.39 -2.61
C ALA A 104 -6.40 -5.06 -2.61
N SER A 105 -7.45 -4.95 -1.78
CA SER A 105 -8.18 -3.73 -1.69
C SER A 105 -7.31 -2.57 -1.20
N THR A 106 -6.41 -2.87 -0.29
CA THR A 106 -5.41 -1.87 0.20
C THR A 106 -4.53 -1.36 -0.95
N ALA A 107 -3.98 -2.29 -1.69
CA ALA A 107 -3.11 -1.95 -2.83
C ALA A 107 -3.84 -1.07 -3.81
N ALA A 108 -5.09 -1.37 -4.03
CA ALA A 108 -5.78 -0.66 -5.09
C ALA A 108 -6.26 0.71 -4.70
N THR A 109 -6.57 0.90 -3.40
CA THR A 109 -7.19 2.13 -2.98
C THR A 109 -6.18 3.27 -2.86
N ILE A 110 -4.90 2.93 -2.75
CA ILE A 110 -3.84 3.91 -2.78
C ILE A 110 -4.03 4.92 -3.96
N LEU A 111 -4.39 4.38 -5.12
CA LEU A 111 -4.62 5.19 -6.30
C LEU A 111 -5.44 6.42 -6.03
N THR A 112 -6.60 6.26 -5.40
CA THR A 112 -7.58 7.36 -5.38
C THR A 112 -7.03 8.66 -4.83
N GLY A 113 -6.20 8.59 -3.81
CA GLY A 113 -5.72 9.83 -3.22
C GLY A 113 -4.70 10.53 -4.08
N ALA A 114 -3.95 9.77 -4.86
CA ALA A 114 -2.91 10.36 -5.73
C ALA A 114 -3.54 11.14 -6.89
N ILE A 115 -4.68 10.68 -7.39
CA ILE A 115 -5.36 11.42 -8.50
C ILE A 115 -6.65 12.14 -8.13
N ALA A 116 -6.85 12.33 -6.84
CA ALA A 116 -8.00 13.05 -6.36
C ALA A 116 -8.10 14.49 -6.91
N GLU A 117 -9.33 14.98 -6.95
CA GLU A 117 -9.61 16.43 -7.22
C GLU A 117 -9.65 16.83 -8.70
N ARG A 118 -9.08 16.02 -9.59
CA ARG A 118 -9.05 16.41 -11.01
C ARG A 118 -9.13 15.28 -12.00
N SER A 119 -8.99 14.05 -11.54
CA SER A 119 -9.28 12.94 -12.38
C SER A 119 -10.77 12.73 -12.45
N GLY A 120 -11.22 12.11 -13.55
CA GLY A 120 -12.61 11.69 -13.67
C GLY A 120 -12.84 10.33 -13.10
N PHE A 121 -14.12 10.00 -12.96
CA PHE A 121 -14.53 8.69 -12.41
C PHE A 121 -13.96 7.45 -13.13
N ILE A 122 -13.99 7.44 -14.44
CA ILE A 122 -13.61 6.23 -15.16
C ILE A 122 -12.15 5.82 -14.95
N PRO A 123 -11.23 6.77 -15.02
CA PRO A 123 -9.83 6.42 -14.69
C PRO A 123 -9.69 5.75 -13.30
N ASN A 124 -10.52 6.17 -12.33
CA ASN A 124 -10.44 5.56 -11.03
C ASN A 124 -10.93 4.12 -11.05
N ILE A 125 -12.18 3.91 -11.48
CA ILE A 125 -12.71 2.58 -11.46
C ILE A 125 -11.96 1.63 -12.41
N ALA A 126 -11.55 2.13 -13.56
CA ALA A 126 -10.84 1.23 -14.49
C ALA A 126 -9.44 0.94 -13.95
N GLY A 127 -8.81 1.94 -13.34
CA GLY A 127 -7.52 1.76 -12.67
C GLY A 127 -7.56 0.70 -11.60
N THR A 128 -8.62 0.74 -10.78
CA THR A 128 -8.83 -0.25 -9.79
C THR A 128 -8.94 -1.63 -10.35
N ALA A 129 -9.73 -1.77 -11.39
CA ALA A 129 -9.91 -3.09 -11.96
C ALA A 129 -8.60 -3.63 -12.50
N PHE A 130 -7.84 -2.73 -13.14
CA PHE A 130 -6.58 -3.14 -13.77
C PHE A 130 -5.51 -3.56 -12.76
N ILE A 131 -5.34 -2.78 -11.69
CA ILE A 131 -4.35 -3.12 -10.69
C ILE A 131 -4.69 -4.43 -10.01
N VAL A 132 -5.98 -4.68 -9.75
CA VAL A 132 -6.38 -5.83 -9.03
C VAL A 132 -6.36 -7.15 -9.86
N ALA A 133 -6.62 -7.01 -11.17
CA ALA A 133 -6.68 -8.15 -12.14
C ALA A 133 -5.31 -8.54 -12.66
N ILE A 134 -4.37 -7.60 -12.77
CA ILE A 134 -3.08 -7.76 -13.47
C ILE A 134 -1.86 -7.41 -12.64
N ILE A 135 -1.67 -6.14 -12.38
CA ILE A 135 -0.41 -5.66 -11.76
C ILE A 135 -0.20 -6.32 -10.40
N TYR A 136 -1.19 -6.16 -9.50
CA TYR A 136 -0.99 -6.64 -8.11
C TYR A 136 -0.85 -8.15 -7.99
N PRO A 137 -1.80 -8.92 -8.51
CA PRO A 137 -1.69 -10.33 -8.25
C PRO A 137 -0.51 -11.05 -9.02
N ILE A 138 -0.08 -10.55 -10.16
CA ILE A 138 1.06 -11.18 -10.85
C ILE A 138 2.37 -10.90 -10.12
N PHE A 139 2.64 -9.65 -9.77
CA PHE A 139 3.75 -9.39 -8.81
C PHE A 139 3.62 -10.16 -7.52
N GLY A 140 2.40 -10.30 -7.03
CA GLY A 140 2.19 -11.03 -5.81
C GLY A 140 2.59 -12.49 -5.95
N HIS A 141 2.32 -13.04 -7.13
CA HIS A 141 2.73 -14.43 -7.41
C HIS A 141 4.27 -14.52 -7.33
N TRP A 142 4.94 -13.55 -7.93
CA TRP A 142 6.41 -13.58 -7.97
C TRP A 142 6.99 -13.61 -6.60
N ALA A 143 6.38 -12.83 -5.69
CA ALA A 143 6.92 -12.57 -4.32
C ALA A 143 6.40 -13.54 -3.30
N TRP A 144 5.15 -13.95 -3.49
CA TRP A 144 4.45 -14.72 -2.48
C TRP A 144 3.76 -15.99 -3.04
N GLY A 145 4.00 -16.38 -4.29
CA GLY A 145 3.29 -17.48 -4.86
C GLY A 145 3.61 -18.85 -4.25
N ASN A 146 4.54 -18.87 -3.32
CA ASN A 146 4.76 -20.11 -2.55
C ASN A 146 3.77 -20.32 -1.42
N LEU A 147 2.90 -19.36 -1.13
CA LEU A 147 2.33 -19.32 0.25
C LEU A 147 1.11 -20.24 0.43
N PHE A 148 0.33 -20.43 -0.61
CA PHE A 148 -0.95 -21.14 -0.44
C PHE A 148 -0.94 -22.54 -1.10
N SER A 149 -0.55 -22.60 -2.38
CA SER A 149 -0.68 -23.81 -3.22
C SER A 149 0.56 -24.66 -2.91
N PRO A 150 0.37 -25.99 -2.86
CA PRO A 150 1.46 -26.92 -2.42
C PRO A 150 2.66 -26.95 -3.37
N ASP A 151 3.88 -26.95 -2.83
CA ASP A 151 5.07 -27.29 -3.61
C ASP A 151 5.37 -26.39 -4.78
N GLN A 152 5.39 -25.07 -4.58
CA GLN A 152 5.66 -24.15 -5.71
C GLN A 152 6.24 -22.87 -5.18
N THR A 153 6.70 -22.02 -6.06
CA THR A 153 7.16 -20.73 -5.65
C THR A 153 7.10 -19.71 -6.78
N GLY A 154 7.21 -18.45 -6.43
CA GLY A 154 7.27 -17.42 -7.42
C GLY A 154 8.74 -17.18 -7.63
N TRP A 155 9.08 -16.64 -8.79
CA TRP A 155 10.49 -16.54 -9.14
C TRP A 155 11.23 -15.61 -8.20
N LEU A 156 10.62 -14.50 -7.76
CA LEU A 156 11.31 -13.59 -6.86
C LEU A 156 11.57 -14.17 -5.48
N LYS A 157 10.58 -14.83 -4.95
CA LYS A 157 10.74 -15.57 -3.71
C LYS A 157 11.86 -16.65 -3.82
N GLU A 158 11.87 -17.35 -4.95
CA GLU A 158 12.92 -18.33 -5.27
C GLU A 158 14.32 -17.70 -5.13
N LEU A 159 14.49 -16.47 -5.60
CA LEU A 159 15.77 -15.74 -5.41
C LEU A 159 16.02 -15.29 -3.98
N GLY A 160 15.03 -15.46 -3.07
CA GLY A 160 15.21 -15.02 -1.67
C GLY A 160 14.59 -13.67 -1.25
N PHE A 161 13.74 -13.11 -2.10
CA PHE A 161 13.02 -11.86 -1.76
C PHE A 161 12.15 -12.06 -0.51
N ILE A 162 12.22 -11.09 0.40
CA ILE A 162 11.45 -11.09 1.63
C ILE A 162 10.53 -9.84 1.67
N ASP A 163 9.26 -10.06 1.94
CA ASP A 163 8.35 -8.97 2.29
C ASP A 163 7.26 -9.58 3.18
N PHE A 164 7.43 -9.45 4.49
CA PHE A 164 6.49 -10.07 5.40
C PHE A 164 5.02 -9.79 5.14
N ALA A 165 4.65 -8.52 5.17
CA ALA A 165 3.27 -8.13 5.09
C ALA A 165 2.95 -7.24 3.87
N GLY A 166 3.93 -6.93 3.02
CA GLY A 166 3.63 -6.25 1.79
C GLY A 166 4.09 -4.81 1.65
N ALA A 167 5.25 -4.49 2.21
CA ALA A 167 5.78 -3.17 1.98
C ALA A 167 5.92 -2.85 0.46
N THR A 168 6.40 -3.87 -0.27
CA THR A 168 6.51 -3.81 -1.70
C THR A 168 5.23 -4.37 -2.35
N VAL A 169 4.81 -5.54 -1.95
CA VAL A 169 3.74 -6.26 -2.65
C VAL A 169 2.42 -5.45 -2.63
N VAL A 170 2.11 -4.84 -1.49
CA VAL A 170 0.96 -3.97 -1.37
C VAL A 170 1.32 -2.50 -1.65
N HIS A 171 2.22 -1.94 -0.85
CA HIS A 171 2.32 -0.53 -0.74
C HIS A 171 3.11 0.06 -1.90
N SER A 172 4.32 -0.41 -2.16
CA SER A 172 5.06 0.14 -3.34
C SER A 172 4.35 -0.14 -4.64
N ILE A 173 3.83 -1.34 -4.78
CA ILE A 173 3.08 -1.64 -6.00
C ILE A 173 1.93 -0.68 -6.23
N GLY A 174 1.09 -0.49 -5.20
CA GLY A 174 0.02 0.47 -5.31
C GLY A 174 0.51 1.90 -5.48
N GLY A 175 1.62 2.27 -4.82
CA GLY A 175 2.13 3.62 -4.85
C GLY A 175 2.71 3.98 -6.26
N TRP A 176 3.41 3.05 -6.91
CA TRP A 176 3.97 3.29 -8.26
C TRP A 176 2.87 3.34 -9.34
N PHE A 177 1.82 2.54 -9.16
CA PHE A 177 0.65 2.67 -10.00
C PHE A 177 -0.01 4.02 -9.83
N ALA A 178 -0.17 4.47 -8.59
CA ALA A 178 -0.67 5.76 -8.30
C ALA A 178 0.27 6.80 -8.97
N MET A 179 1.58 6.60 -8.89
CA MET A 179 2.47 7.61 -9.42
C MET A 179 2.30 7.79 -10.96
N ALA A 180 2.18 6.67 -11.68
CA ALA A 180 1.86 6.75 -13.08
C ALA A 180 0.56 7.45 -13.33
N ALA A 181 -0.44 7.10 -12.54
CA ALA A 181 -1.74 7.76 -12.73
C ALA A 181 -1.64 9.30 -12.46
N ALA A 182 -0.91 9.73 -11.41
CA ALA A 182 -0.80 11.12 -11.13
C ALA A 182 -0.09 11.89 -12.29
N ILE A 183 0.86 11.22 -12.88
CA ILE A 183 1.61 11.80 -14.00
C ILE A 183 0.73 11.96 -15.22
N MET A 184 0.02 10.92 -15.60
CA MET A 184 -0.81 10.97 -16.76
C MET A 184 -2.01 11.87 -16.56
N VAL A 185 -2.55 12.00 -15.34
CA VAL A 185 -3.67 12.95 -15.13
C VAL A 185 -3.16 14.43 -15.15
N GLY A 186 -2.00 14.65 -14.59
CA GLY A 186 -1.38 15.94 -14.52
C GLY A 186 -1.74 16.61 -13.22
N PRO A 187 -1.08 17.73 -12.93
CA PRO A 187 -1.36 18.42 -11.66
C PRO A 187 -2.68 19.11 -11.57
N ARG A 188 -3.08 19.39 -10.35
CA ARG A 188 -4.27 20.17 -10.18
C ARG A 188 -4.01 21.57 -10.80
N ILE A 189 -5.03 22.14 -11.39
CA ILE A 189 -4.93 23.44 -12.00
C ILE A 189 -4.23 24.51 -11.19
N ASP A 190 -4.53 24.72 -9.94
CA ASP A 190 -3.76 25.85 -9.32
C ASP A 190 -2.62 25.35 -8.46
N LYS A 191 -2.03 24.18 -8.76
CA LYS A 191 -1.03 23.66 -7.85
C LYS A 191 0.29 24.45 -7.95
N TYR A 192 0.73 24.69 -9.19
CA TYR A 192 2.03 25.32 -9.40
C TYR A 192 1.91 26.70 -9.96
N ASN A 193 2.71 27.65 -9.49
CA ASN A 193 2.65 28.98 -10.07
C ASN A 193 3.56 29.16 -11.31
N PRO A 194 3.41 30.25 -12.06
CA PRO A 194 4.25 30.51 -13.24
C PRO A 194 5.73 30.55 -12.91
N ASP A 195 6.12 30.90 -11.68
CA ASP A 195 7.54 30.77 -11.29
C ASP A 195 7.96 29.40 -10.83
N GLY A 196 7.09 28.41 -10.96
CA GLY A 196 7.45 27.07 -10.47
C GLY A 196 7.23 26.79 -9.01
N SER A 197 6.84 27.78 -8.21
CA SER A 197 6.57 27.56 -6.77
C SER A 197 5.27 26.78 -6.59
N SER A 198 5.16 26.13 -5.44
CA SER A 198 4.06 25.19 -5.11
C SER A 198 3.11 25.86 -4.20
N ASN A 199 1.81 25.77 -4.48
CA ASN A 199 0.84 26.18 -3.52
C ASN A 199 0.35 25.04 -2.65
N ARG A 200 -0.03 25.36 -1.41
CA ARG A 200 -0.67 24.41 -0.49
C ARG A 200 -2.14 24.45 -0.86
N ILE A 201 -2.64 23.35 -1.38
CA ILE A 201 -4.04 23.22 -1.71
C ILE A 201 -4.69 22.17 -0.77
N GLY A 202 -5.91 22.34 -0.33
CA GLY A 202 -6.48 21.24 0.44
C GLY A 202 -5.96 21.09 1.86
N LEU A 203 -6.11 19.88 2.40
CA LEU A 203 -6.06 19.62 3.81
C LEU A 203 -7.08 20.50 4.55
N HIS A 204 -8.32 20.50 4.12
CA HIS A 204 -9.34 21.32 4.77
C HIS A 204 -9.99 20.65 6.03
N ASN A 205 -9.54 19.44 6.41
CA ASN A 205 -10.14 18.82 7.56
C ASN A 205 -9.05 17.96 8.22
N VAL A 206 -8.16 18.67 8.90
CA VAL A 206 -7.12 18.08 9.67
C VAL A 206 -7.65 17.11 10.73
N PRO A 207 -8.74 17.47 11.44
CA PRO A 207 -9.27 16.45 12.36
C PRO A 207 -9.64 15.15 11.68
N LEU A 208 -10.24 15.23 10.50
CA LEU A 208 -10.65 14.03 9.84
C LEU A 208 -9.41 13.21 9.35
N ALA A 209 -8.41 13.89 8.82
CA ALA A 209 -7.15 13.20 8.50
C ALA A 209 -6.51 12.55 9.75
N THR A 210 -6.64 13.15 10.91
CA THR A 210 -6.11 12.62 12.16
C THR A 210 -6.86 11.35 12.49
N LEU A 211 -8.19 11.40 12.36
CA LEU A 211 -8.97 10.20 12.64
C LEU A 211 -8.56 9.10 11.61
N GLY A 212 -8.31 9.50 10.36
CA GLY A 212 -7.84 8.60 9.33
C GLY A 212 -6.53 7.91 9.71
N THR A 213 -5.60 8.70 10.23
CA THR A 213 -4.31 8.14 10.63
C THR A 213 -4.50 7.12 11.72
N PHE A 214 -5.31 7.42 12.75
CA PHE A 214 -5.57 6.43 13.78
C PHE A 214 -6.20 5.14 13.29
N PHE A 215 -7.18 5.23 12.38
CA PHE A 215 -7.77 4.05 11.83
C PHE A 215 -6.76 3.21 11.06
N LEU A 216 -5.93 3.91 10.29
CA LEU A 216 -4.92 3.21 9.49
C LEU A 216 -3.95 2.48 10.37
N TRP A 217 -3.52 3.19 11.41
CA TRP A 217 -2.54 2.63 12.38
C TRP A 217 -3.13 1.36 13.07
N PHE A 218 -4.36 1.50 13.56
CA PHE A 218 -5.11 0.39 14.11
C PHE A 218 -5.21 -0.75 13.14
N GLY A 219 -5.68 -0.48 11.94
CA GLY A 219 -5.69 -1.52 10.92
C GLY A 219 -4.39 -2.19 10.61
N TRP A 220 -3.29 -1.42 10.65
CA TRP A 220 -1.95 -1.99 10.37
C TRP A 220 -1.56 -3.04 11.39
N PHE A 221 -2.14 -2.96 12.61
CA PHE A 221 -1.96 -4.02 13.57
C PHE A 221 -2.43 -5.38 13.05
N GLY A 222 -3.58 -5.37 12.38
CA GLY A 222 -4.08 -6.59 11.73
C GLY A 222 -3.25 -6.94 10.50
N PHE A 223 -2.91 -5.91 9.75
CA PHE A 223 -2.12 -6.10 8.51
C PHE A 223 -0.84 -6.86 8.80
N ASN A 224 -0.13 -6.40 9.85
CA ASN A 224 1.11 -7.03 10.29
C ASN A 224 0.91 -8.31 11.14
N GLY A 225 0.18 -8.20 12.23
CA GLY A 225 -0.11 -9.36 13.06
C GLY A 225 -0.74 -10.51 12.33
N GLY A 226 -1.70 -10.21 11.49
CA GLY A 226 -2.42 -11.26 10.72
C GLY A 226 -1.47 -11.98 9.77
N SER A 227 -0.38 -11.30 9.36
CA SER A 227 0.53 -11.90 8.36
C SER A 227 1.37 -13.07 8.91
N LEU A 228 1.42 -13.24 10.23
CA LEU A 228 1.92 -14.47 10.83
C LEU A 228 1.13 -15.69 10.33
N LEU A 229 -0.12 -15.47 9.95
CA LEU A 229 -1.01 -16.54 9.51
C LEU A 229 -1.24 -17.61 10.58
N ARG A 230 -0.93 -17.31 11.84
N ARG A 230 -0.94 -17.31 11.84
CA ARG A 230 -1.09 -18.25 12.93
CA ARG A 230 -1.10 -18.28 12.93
C ARG A 230 -0.93 -17.47 14.23
C ARG A 230 -0.98 -17.46 14.20
N VAL A 231 -1.42 -18.03 15.32
CA VAL A 231 -1.26 -17.38 16.59
C VAL A 231 -0.11 -17.99 17.29
N SER A 232 0.84 -17.17 17.70
CA SER A 232 1.95 -17.58 18.59
C SER A 232 2.25 -16.40 19.47
N VAL A 233 3.13 -16.59 20.40
CA VAL A 233 3.76 -15.53 21.18
C VAL A 233 4.31 -14.37 20.32
N ASN A 234 4.63 -14.67 19.07
CA ASN A 234 5.15 -13.66 18.17
C ASN A 234 4.16 -12.55 17.82
N ILE A 235 2.88 -12.79 18.07
CA ILE A 235 1.85 -11.85 17.70
C ILE A 235 2.06 -10.52 18.43
N GLY A 236 2.36 -10.57 19.74
CA GLY A 236 2.63 -9.36 20.51
C GLY A 236 3.88 -8.62 20.02
N LEU A 237 4.85 -9.37 19.54
CA LEU A 237 6.08 -8.76 19.05
C LEU A 237 5.79 -7.98 17.79
N VAL A 238 5.03 -8.59 16.86
CA VAL A 238 4.79 -7.95 15.55
C VAL A 238 4.01 -6.64 15.79
N ILE A 239 2.99 -6.73 16.64
CA ILE A 239 2.14 -5.53 16.89
C ILE A 239 2.89 -4.43 17.63
N LEU A 240 3.68 -4.81 18.63
CA LEU A 240 4.53 -3.88 19.33
C LEU A 240 5.51 -3.22 18.37
N ASN A 241 6.14 -4.01 17.48
CA ASN A 241 7.02 -3.39 16.53
C ASN A 241 6.27 -2.45 15.59
N THR A 242 5.06 -2.83 15.16
CA THR A 242 4.32 -1.95 14.29
C THR A 242 4.08 -0.60 14.99
N ASN A 243 3.70 -0.64 16.27
CA ASN A 243 3.40 0.53 17.03
C ASN A 243 4.64 1.40 17.20
N MET A 244 5.74 0.73 17.49
CA MET A 244 6.94 1.49 17.76
C MET A 244 7.46 2.15 16.50
N ALA A 245 7.32 1.52 15.31
CA ALA A 245 7.78 2.15 14.07
C ALA A 245 6.96 3.42 13.83
N ALA A 246 5.61 3.35 13.97
CA ALA A 246 4.74 4.52 13.80
C ALA A 246 5.12 5.63 14.78
N ALA A 247 5.30 5.26 16.03
CA ALA A 247 5.54 6.28 17.05
C ALA A 247 6.91 6.95 16.81
N SER A 248 7.91 6.17 16.47
CA SER A 248 9.26 6.73 16.21
C SER A 248 9.24 7.56 14.95
N ALA A 249 8.54 7.09 13.92
CA ALA A 249 8.41 7.88 12.72
C ALA A 249 7.80 9.26 13.01
N GLY A 250 6.76 9.28 13.85
CA GLY A 250 6.16 10.52 14.19
C GLY A 250 7.10 11.45 14.99
N VAL A 251 7.84 10.90 15.94
CA VAL A 251 8.66 11.74 16.82
C VAL A 251 9.83 12.30 16.00
N SER A 252 10.39 11.47 15.11
CA SER A 252 11.51 11.90 14.25
C SER A 252 11.00 13.01 13.39
N ALA A 253 9.79 12.86 12.88
CA ALA A 253 9.18 13.91 12.08
C ALA A 253 8.95 15.20 12.85
N LEU A 254 8.47 15.13 14.10
CA LEU A 254 8.24 16.31 14.87
C LEU A 254 9.57 17.04 14.99
N ILE A 255 10.64 16.30 15.24
CA ILE A 255 11.92 16.94 15.46
C ILE A 255 12.45 17.59 14.17
N PHE A 256 12.51 16.83 13.07
CA PHE A 256 13.04 17.24 11.79
C PHE A 256 12.22 18.39 11.19
N ILE A 257 10.89 18.30 11.30
CA ILE A 257 10.04 19.32 10.75
C ILE A 257 10.19 20.65 11.53
N TYR A 258 10.32 20.61 12.88
CA TYR A 258 10.54 21.81 13.74
C TYR A 258 11.88 22.42 13.37
N ALA A 259 12.92 21.60 13.41
CA ALA A 259 14.26 22.08 13.12
C ALA A 259 14.37 22.79 11.72
N THR A 260 13.63 22.32 10.70
CA THR A 260 13.81 22.75 9.32
C THR A 260 12.73 23.70 8.80
N ARG A 261 11.63 23.77 9.47
CA ARG A 261 10.55 24.68 9.11
C ARG A 261 10.04 25.53 10.25
N LYS A 262 10.63 25.42 11.46
CA LYS A 262 10.20 26.24 12.66
C LYS A 262 8.66 26.22 13.04
N ARG A 263 7.95 25.16 12.64
CA ARG A 263 6.54 24.93 13.01
C ARG A 263 6.25 23.40 12.79
N ILE A 264 5.17 22.88 13.37
CA ILE A 264 4.73 21.50 13.13
C ILE A 264 3.71 21.54 12.01
N GLU A 265 4.01 21.09 10.81
CA GLU A 265 3.00 21.06 9.74
C GLU A 265 2.30 19.71 9.74
N ALA A 266 0.98 19.71 9.89
CA ALA A 266 0.24 18.47 10.06
C ALA A 266 0.47 17.44 8.89
N GLY A 267 0.50 17.94 7.65
CA GLY A 267 0.55 17.09 6.45
C GLY A 267 1.77 16.18 6.49
N SER A 268 2.90 16.76 6.79
CA SER A 268 4.17 16.04 6.79
C SER A 268 4.27 15.14 7.98
N LEU A 269 3.67 15.51 9.12
CA LEU A 269 3.68 14.63 10.28
C LEU A 269 2.90 13.34 9.96
N PHE A 270 1.74 13.48 9.32
CA PHE A 270 0.96 12.30 8.93
C PHE A 270 1.72 11.45 7.95
N THR A 271 2.29 12.11 6.94
CA THR A 271 3.09 11.39 5.93
C THR A 271 4.12 10.50 6.61
N ALA A 272 4.83 11.05 7.58
CA ALA A 272 5.88 10.33 8.18
C ALA A 272 5.37 9.10 8.99
N ILE A 273 4.27 9.28 9.77
CA ILE A 273 3.68 8.23 10.53
C ILE A 273 3.29 7.09 9.60
N LEU A 274 2.54 7.41 8.55
CA LEU A 274 2.08 6.39 7.66
C LEU A 274 3.25 5.68 6.92
N ALA A 275 4.26 6.46 6.51
CA ALA A 275 5.47 5.88 5.89
C ALA A 275 6.19 4.93 6.82
N GLY A 276 6.24 5.23 8.10
CA GLY A 276 6.82 4.29 9.02
C GLY A 276 6.05 3.00 9.17
N LEU A 277 4.71 3.11 9.19
CA LEU A 277 3.86 1.97 9.13
C LEU A 277 4.14 1.11 7.90
N VAL A 278 4.19 1.74 6.76
CA VAL A 278 4.43 1.05 5.49
C VAL A 278 5.77 0.31 5.61
N ALA A 279 6.79 0.99 6.12
CA ALA A 279 8.11 0.41 6.15
C ALA A 279 8.22 -0.80 7.02
N ILE A 280 7.59 -0.72 8.21
CA ILE A 280 7.68 -1.82 9.16
C ILE A 280 6.88 -3.05 8.71
N THR A 281 6.01 -2.86 7.73
CA THR A 281 5.24 -3.93 7.13
C THR A 281 6.15 -4.96 6.48
N ALA A 282 7.35 -4.57 6.09
CA ALA A 282 8.27 -5.54 5.39
C ALA A 282 8.87 -6.52 6.39
N SER A 283 8.99 -6.12 7.64
CA SER A 283 9.89 -6.81 8.54
C SER A 283 9.42 -6.96 9.95
N SER A 284 8.16 -6.66 10.24
CA SER A 284 7.79 -6.56 11.66
C SER A 284 7.89 -7.89 12.41
N ASN A 285 7.93 -9.05 11.71
CA ASN A 285 8.05 -10.33 12.39
C ASN A 285 9.51 -10.72 12.68
N MET A 286 10.46 -9.96 12.18
CA MET A 286 11.87 -10.40 12.21
C MET A 286 12.83 -9.45 12.79
N VAL A 287 12.31 -8.37 13.36
CA VAL A 287 13.16 -7.34 13.96
C VAL A 287 12.79 -7.22 15.44
N THR A 288 13.69 -6.60 16.19
CA THR A 288 13.48 -6.28 17.61
C THR A 288 12.76 -4.91 17.72
N PRO A 289 12.17 -4.63 18.88
CA PRO A 289 11.53 -3.34 19.00
C PRO A 289 12.48 -2.15 18.81
N VAL A 290 13.75 -2.27 19.27
CA VAL A 290 14.68 -1.19 19.01
C VAL A 290 14.98 -1.01 17.53
N SER A 291 15.09 -2.08 16.76
CA SER A 291 15.28 -1.88 15.32
C SER A 291 14.03 -1.26 14.65
N ALA A 292 12.85 -1.61 15.18
CA ALA A 292 11.55 -1.01 14.67
C ALA A 292 11.59 0.48 14.90
N VAL A 293 12.10 0.92 16.08
CA VAL A 293 12.29 2.32 16.36
C VAL A 293 13.28 2.99 15.33
N ALA A 294 14.39 2.32 15.05
CA ALA A 294 15.36 2.86 14.07
C ALA A 294 14.75 2.94 12.68
N ILE A 295 14.04 1.90 12.26
CA ILE A 295 13.35 1.90 10.93
C ILE A 295 12.34 3.07 10.84
N GLY A 296 11.59 3.31 11.92
CA GLY A 296 10.64 4.42 11.99
C GLY A 296 11.31 5.78 11.85
N LEU A 297 12.38 5.98 12.60
CA LEU A 297 13.13 7.23 12.60
C LEU A 297 13.69 7.53 11.21
N ILE A 298 14.34 6.57 10.63
CA ILE A 298 14.91 6.73 9.32
C ILE A 298 13.81 6.96 8.24
N THR A 299 12.73 6.15 8.32
CA THR A 299 11.67 6.27 7.33
C THR A 299 10.92 7.58 7.46
N GLY A 300 10.67 8.01 8.66
CA GLY A 300 9.97 9.25 8.88
C GLY A 300 10.62 10.47 8.17
N ILE A 301 11.89 10.70 8.43
CA ILE A 301 12.67 11.73 7.78
C ILE A 301 12.77 11.50 6.27
N LEU A 302 13.13 10.31 5.83
CA LEU A 302 13.33 10.12 4.39
C LEU A 302 12.02 10.31 3.63
N ALA A 303 10.91 9.95 4.28
CA ALA A 303 9.63 10.06 3.58
C ALA A 303 9.21 11.54 3.38
N ILE A 304 9.55 12.38 4.36
CA ILE A 304 9.25 13.78 4.28
C ILE A 304 10.16 14.43 3.21
N ILE A 305 11.42 13.97 3.11
CA ILE A 305 12.32 14.51 2.11
C ILE A 305 11.74 14.15 0.75
N ALA A 306 11.40 12.88 0.61
CA ALA A 306 10.77 12.40 -0.59
C ALA A 306 9.51 13.10 -0.98
N GLU A 307 8.65 13.36 -0.01
CA GLU A 307 7.40 14.03 -0.30
C GLU A 307 7.66 15.42 -0.95
N GLY A 308 8.61 16.19 -0.39
CA GLY A 308 8.99 17.45 -0.94
C GLY A 308 9.65 17.37 -2.33
N PHE A 309 10.46 16.33 -2.53
CA PHE A 309 11.15 16.09 -3.82
C PHE A 309 10.14 15.81 -4.93
N ILE A 310 9.14 15.05 -4.59
CA ILE A 310 8.14 14.60 -5.55
C ILE A 310 7.30 15.81 -5.96
N GLU A 311 6.90 16.55 -4.96
CA GLU A 311 6.07 17.71 -5.16
C GLU A 311 6.78 18.87 -5.93
N LYS A 312 7.99 19.20 -5.54
CA LYS A 312 8.62 20.45 -5.95
C LYS A 312 9.73 20.24 -6.99
N THR A 313 10.35 19.07 -7.04
CA THR A 313 11.35 18.79 -8.03
C THR A 313 10.76 17.96 -9.15
N LEU A 314 10.06 16.87 -8.87
CA LEU A 314 9.49 16.10 -9.99
C LEU A 314 8.24 16.77 -10.52
N LYS A 315 7.63 17.62 -9.72
CA LYS A 315 6.36 18.26 -10.05
C LYS A 315 5.24 17.29 -10.37
N ILE A 316 5.22 16.22 -9.57
CA ILE A 316 4.05 15.31 -9.56
C ILE A 316 3.13 15.75 -8.44
N ASP A 317 1.89 16.04 -8.78
CA ASP A 317 0.94 16.53 -7.78
C ASP A 317 0.15 15.36 -7.14
N ASP A 318 0.45 15.13 -5.86
CA ASP A 318 -0.06 13.94 -5.09
C ASP A 318 -0.73 14.47 -3.84
N PRO A 319 -2.03 14.70 -3.93
CA PRO A 319 -2.74 15.43 -2.86
C PRO A 319 -2.62 14.79 -1.47
N VAL A 320 -2.36 13.48 -1.35
CA VAL A 320 -2.25 12.82 -0.05
C VAL A 320 -0.86 12.29 0.26
N SER A 321 0.11 12.60 -0.59
CA SER A 321 1.46 12.09 -0.52
C SER A 321 1.51 10.55 -0.59
N ALA A 322 0.57 9.95 -1.33
CA ALA A 322 0.50 8.52 -1.49
C ALA A 322 1.81 7.90 -2.02
N ILE A 323 2.46 8.62 -2.92
CA ILE A 323 3.69 8.08 -3.56
C ILE A 323 4.80 8.03 -2.52
N ALA A 324 4.95 9.11 -1.78
CA ALA A 324 5.91 9.09 -0.67
C ALA A 324 5.61 8.08 0.40
N VAL A 325 4.32 7.90 0.82
CA VAL A 325 4.01 7.05 1.94
C VAL A 325 4.21 5.59 1.49
N HIS A 326 3.49 5.24 0.42
CA HIS A 326 3.40 3.86 -0.02
C HIS A 326 4.58 3.42 -0.96
N GLY A 327 4.91 4.21 -1.92
CA GLY A 327 5.98 3.90 -2.87
C GLY A 327 7.33 3.98 -2.15
N VAL A 328 7.68 5.15 -1.67
CA VAL A 328 8.99 5.33 -1.06
C VAL A 328 9.11 4.64 0.29
N GLY A 329 8.11 4.82 1.16
CA GLY A 329 8.07 4.07 2.38
C GLY A 329 8.22 2.57 2.19
N GLY A 330 7.64 2.01 1.13
CA GLY A 330 7.75 0.57 0.96
C GLY A 330 9.17 0.23 0.54
N VAL A 331 9.78 1.05 -0.30
CA VAL A 331 11.16 0.79 -0.72
C VAL A 331 12.10 0.79 0.50
N ILE A 332 11.94 1.79 1.35
CA ILE A 332 12.77 1.88 2.50
C ILE A 332 12.60 0.68 3.43
N GLY A 333 11.36 0.31 3.75
CA GLY A 333 11.16 -0.85 4.59
C GLY A 333 11.71 -2.14 3.96
N THR A 334 11.49 -2.28 2.65
CA THR A 334 11.88 -3.49 1.97
C THR A 334 13.44 -3.61 2.02
N LEU A 335 14.15 -2.50 1.77
CA LEU A 335 15.63 -2.50 1.89
C LEU A 335 16.10 -2.77 3.31
N CYS A 336 15.38 -2.26 4.30
CA CYS A 336 15.72 -2.43 5.74
C CYS A 336 15.61 -3.85 6.22
N VAL A 337 14.81 -4.70 5.55
CA VAL A 337 14.82 -6.07 5.87
C VAL A 337 16.30 -6.61 5.96
N ALA A 338 17.09 -6.33 4.94
CA ALA A 338 18.51 -6.82 4.91
C ALA A 338 19.36 -6.28 6.07
N ILE A 339 19.11 -5.04 6.45
CA ILE A 339 19.89 -4.36 7.49
C ILE A 339 19.50 -4.83 8.83
N PHE A 340 18.21 -5.09 9.07
CA PHE A 340 17.75 -5.25 10.45
C PHE A 340 17.22 -6.57 10.85
N ALA A 341 16.80 -7.36 9.88
CA ALA A 341 16.18 -8.62 10.18
C ALA A 341 17.15 -9.56 10.91
N GLN A 342 16.58 -10.35 11.82
CA GLN A 342 17.27 -11.43 12.48
C GLN A 342 17.84 -12.38 11.44
N LYS A 343 19.10 -12.76 11.59
CA LYS A 343 19.78 -13.53 10.55
C LYS A 343 19.10 -14.84 10.15
N SER A 344 18.46 -15.54 11.06
CA SER A 344 17.70 -16.75 10.73
C SER A 344 16.60 -16.56 9.71
N TYR A 345 16.15 -15.30 9.51
CA TYR A 345 15.13 -15.03 8.51
C TYR A 345 15.64 -14.79 7.09
N LEU A 346 16.93 -14.50 6.95
CA LEU A 346 17.44 -14.16 5.65
C LEU A 346 17.30 -15.36 4.69
N LEU A 347 17.01 -15.10 3.43
CA LEU A 347 16.89 -16.18 2.49
C LEU A 347 18.03 -16.11 1.49
N ALA A 348 18.84 -15.06 1.49
CA ALA A 348 19.86 -14.92 0.46
C ALA A 348 20.66 -16.20 0.49
N GLU A 349 20.87 -16.81 -0.69
CA GLU A 349 21.50 -18.13 -0.73
C GLU A 349 22.80 -18.21 0.05
N ASN A 350 23.60 -17.17 0.03
CA ASN A 350 24.83 -17.27 0.81
C ASN A 350 24.67 -16.83 2.26
N GLY A 351 23.47 -16.50 2.69
CA GLY A 351 23.26 -16.19 4.13
C GLY A 351 23.63 -14.78 4.56
N SER A 352 24.14 -13.92 3.66
CA SER A 352 24.59 -12.62 4.07
C SER A 352 23.62 -11.42 3.84
N ARG A 353 23.84 -10.36 4.61
CA ARG A 353 23.08 -9.12 4.55
C ARG A 353 23.31 -8.34 3.28
N MET A 354 24.57 -8.29 2.85
CA MET A 354 24.95 -7.69 1.58
C MET A 354 24.20 -8.32 0.43
N HIS A 355 24.18 -9.63 0.42
CA HIS A 355 23.55 -10.35 -0.66
C HIS A 355 22.02 -10.13 -0.50
N GLN A 356 21.45 -10.26 0.70
CA GLN A 356 20.00 -9.97 0.88
C GLN A 356 19.64 -8.57 0.42
N LEU A 357 20.53 -7.58 0.67
CA LEU A 357 20.27 -6.23 0.23
C LEU A 357 20.13 -6.17 -1.29
N GLY A 358 20.86 -7.02 -2.00
CA GLY A 358 20.91 -6.95 -3.47
C GLY A 358 19.60 -7.59 -3.97
N ILE A 359 19.14 -8.65 -3.32
CA ILE A 359 17.88 -9.31 -3.67
C ILE A 359 16.69 -8.36 -3.33
N GLN A 360 16.75 -7.67 -2.19
CA GLN A 360 15.70 -6.72 -1.84
C GLN A 360 15.65 -5.60 -2.86
N ALA A 361 16.82 -5.09 -3.20
CA ALA A 361 16.89 -4.04 -4.24
C ALA A 361 16.35 -4.52 -5.60
N LEU A 362 16.62 -5.77 -5.91
CA LEU A 362 16.14 -6.31 -7.17
C LEU A 362 14.61 -6.36 -7.13
N GLY A 363 14.06 -6.80 -6.01
CA GLY A 363 12.58 -6.79 -5.85
C GLY A 363 11.99 -5.41 -5.98
N VAL A 364 12.65 -4.44 -5.38
CA VAL A 364 12.24 -3.05 -5.45
C VAL A 364 12.18 -2.53 -6.88
N ILE A 365 13.23 -2.81 -7.65
CA ILE A 365 13.32 -2.37 -9.05
C ILE A 365 12.37 -3.05 -9.95
N VAL A 366 12.17 -4.34 -9.75
CA VAL A 366 11.17 -5.08 -10.52
C VAL A 366 9.76 -4.56 -10.21
N ALA A 367 9.44 -4.30 -8.95
CA ALA A 367 8.11 -3.75 -8.55
C ALA A 367 7.83 -2.41 -9.21
N PHE A 368 8.86 -1.57 -9.21
CA PHE A 368 8.76 -0.28 -9.88
C PHE A 368 8.56 -0.47 -11.33
N SER A 369 9.40 -1.26 -11.97
CA SER A 369 9.33 -1.35 -13.45
C SER A 369 8.01 -1.92 -13.89
N TRP A 370 7.55 -2.96 -13.19
CA TRP A 370 6.29 -3.58 -13.52
C TRP A 370 5.08 -2.62 -13.30
N SER A 371 4.94 -2.06 -12.08
CA SER A 371 3.78 -1.30 -11.72
C SER A 371 3.79 0.11 -12.29
N PHE A 372 4.91 0.84 -12.20
CA PHE A 372 4.96 2.12 -12.90
C PHE A 372 4.88 1.91 -14.42
N GLY A 373 5.65 0.98 -14.98
CA GLY A 373 5.62 0.82 -16.44
C GLY A 373 4.29 0.36 -17.02
N LEU A 374 3.70 -0.67 -16.45
CA LEU A 374 2.35 -1.03 -16.88
C LEU A 374 1.28 0.03 -16.58
N GLY A 375 1.49 0.77 -15.51
CA GLY A 375 0.55 1.82 -15.19
C GLY A 375 0.65 2.92 -16.19
N MET A 376 1.89 3.30 -16.56
CA MET A 376 2.04 4.28 -17.67
C MET A 376 1.34 3.82 -18.98
N LEU A 377 1.56 2.57 -19.36
CA LEU A 377 0.93 2.03 -20.55
C LEU A 377 -0.59 2.02 -20.43
N PHE A 378 -1.04 1.65 -19.25
CA PHE A 378 -2.50 1.55 -19.03
C PHE A 378 -3.14 2.88 -19.15
N PHE A 379 -2.57 3.89 -18.49
CA PHE A 379 -3.19 5.21 -18.58
C PHE A 379 -2.96 5.91 -19.94
N LEU A 380 -1.89 5.54 -20.64
CA LEU A 380 -1.70 6.01 -22.01
C LEU A 380 -2.77 5.45 -22.89
N CYS A 381 -3.03 4.15 -22.79
CA CYS A 381 -4.06 3.54 -23.61
C CYS A 381 -5.41 4.01 -23.24
N LEU A 382 -5.70 4.14 -21.94
CA LEU A 382 -7.01 4.72 -21.56
C LEU A 382 -7.22 6.15 -22.10
N LYS A 383 -6.20 6.97 -22.04
CA LYS A 383 -6.34 8.35 -22.37
C LYS A 383 -6.76 8.43 -23.87
N LYS A 384 -6.35 7.44 -24.65
CA LYS A 384 -6.68 7.43 -26.06
C LYS A 384 -8.15 7.26 -26.29
N VAL A 385 -8.89 6.70 -25.35
CA VAL A 385 -10.32 6.57 -25.53
C VAL A 385 -11.22 7.33 -24.52
N LYS A 386 -10.64 7.87 -23.45
CA LYS A 386 -11.40 8.66 -22.47
C LYS A 386 -10.41 9.56 -21.79
N ARG A 387 -10.69 10.87 -21.84
CA ARG A 387 -9.85 11.86 -21.16
C ARG A 387 -9.80 11.54 -19.62
N LEU A 388 -8.61 11.73 -19.06
CA LEU A 388 -8.30 11.28 -17.73
C LEU A 388 -8.75 12.32 -16.74
N ARG A 389 -8.72 13.61 -17.15
CA ARG A 389 -9.15 14.67 -16.25
C ARG A 389 -10.53 15.16 -16.50
N VAL A 390 -11.09 15.80 -15.48
CA VAL A 390 -12.31 16.56 -15.65
C VAL A 390 -11.97 17.93 -16.28
N THR A 391 -12.99 18.67 -16.72
CA THR A 391 -12.74 19.99 -17.34
C THR A 391 -12.28 20.96 -16.27
N PRO A 392 -11.56 22.00 -16.68
CA PRO A 392 -11.11 22.94 -15.68
C PRO A 392 -12.26 23.58 -14.90
N GLU A 393 -13.43 23.73 -15.54
CA GLU A 393 -14.56 24.42 -14.90
C GLU A 393 -15.05 23.52 -13.74
N GLU A 394 -15.22 22.24 -14.03
CA GLU A 394 -15.55 21.26 -13.04
C GLU A 394 -14.53 21.15 -11.90
N GLU A 395 -13.27 21.23 -12.30
CA GLU A 395 -12.22 21.24 -11.32
C GLU A 395 -12.30 22.42 -10.37
N LYS A 396 -12.65 23.62 -10.86
CA LYS A 396 -12.74 24.82 -9.97
C LYS A 396 -14.02 24.79 -9.16
N ARG A 397 -15.12 24.35 -9.76
CA ARG A 397 -16.36 24.27 -9.04
C ARG A 397 -16.31 23.16 -7.97
N GLY A 398 -15.63 22.06 -8.25
CA GLY A 398 -15.65 20.95 -7.32
C GLY A 398 -16.30 19.75 -7.96
N LEU A 399 -15.79 18.57 -7.67
CA LEU A 399 -16.36 17.36 -8.23
C LEU A 399 -17.68 17.01 -7.58
N ASN A 400 -17.96 17.62 -6.45
CA ASN A 400 -19.23 17.41 -5.78
C ASN A 400 -20.30 18.15 -6.59
N VAL A 401 -20.76 17.59 -7.71
CA VAL A 401 -21.66 18.38 -8.53
C VAL A 401 -23.09 17.94 -8.43
N ALA A 402 -23.37 16.72 -8.83
CA ALA A 402 -24.72 16.20 -8.74
C ALA A 402 -25.45 16.39 -7.42
N GLU A 403 -24.82 16.32 -6.23
CA GLU A 403 -25.64 16.78 -5.09
C GLU A 403 -25.79 18.28 -4.83
N ALA A 404 -26.66 18.84 -5.67
CA ALA A 404 -27.08 20.24 -5.70
C ALA A 404 -28.57 20.38 -6.09
N ALA A 405 -29.26 19.26 -6.22
CA ALA A 405 -30.66 19.21 -6.54
C ALA A 405 -31.46 18.65 -5.35
O1 MES B . 0.86 -13.31 3.80
C2 MES B . 1.73 -12.66 2.84
C3 MES B . 3.12 -13.30 2.84
N4 MES B . 3.73 -13.14 4.12
C5 MES B . 2.82 -13.74 5.13
C6 MES B . 1.47 -13.09 5.08
C7 MES B . 5.04 -13.83 4.21
C8 MES B . 6.03 -13.43 3.10
S MES B . 7.62 -13.61 3.55
O1S MES B . 7.84 -13.04 4.90
O2S MES B . 8.46 -12.97 2.47
O3S MES B . 7.94 -15.04 3.72
O1 MES C . 4.70 -17.19 6.06
C2 MES C . 6.03 -16.67 6.13
C3 MES C . 6.53 -16.67 7.56
N4 MES C . 5.56 -16.05 8.48
C5 MES C . 4.15 -16.45 8.31
C6 MES C . 3.78 -16.43 6.84
C7 MES C . 5.91 -16.40 9.88
C8 MES C . 6.96 -15.43 10.42
S MES C . 7.46 -15.76 11.97
O1S MES C . 7.62 -14.47 12.70
O2S MES C . 6.55 -16.70 12.69
O3S MES C . 8.80 -16.39 11.91
C1 ZDM D . 7.82 17.13 -15.29
O1 ZDM D . 4.36 21.84 -15.06
C2 ZDM D . 7.61 18.66 -15.20
O2 ZDM D . 5.71 24.70 -13.10
C3 ZDM D . 6.18 19.25 -15.04
O3 ZDM D . 7.89 22.04 -16.41
C4 ZDM D . 5.11 18.16 -14.87
O4 ZDM D . 7.95 23.89 -14.34
C5 ZDM D . 6.63 22.57 -15.98
O5 ZDM D . 5.42 17.10 -15.76
C6 ZDM D . 6.55 16.27 -15.58
O6 ZDM D . 1.94 22.73 -14.05
C7 ZDM D . 6.75 23.14 -14.59
O7 ZDM D . 5.83 20.13 -16.12
C8 ZDM D . 5.50 23.96 -14.31
C9 ZDM D . 4.32 22.98 -14.19
C10 ZDM D . 5.59 21.50 -15.75
C11 ZDM D . 2.97 23.62 -14.49
O16 ZDM D . 6.07 15.17 -14.76
C18 ZDM D . 6.87 14.30 -13.96
C19 ZDM D . 7.92 13.54 -14.74
C22 ZDM D . 8.07 12.09 -14.28
C25 ZDM D . 9.41 11.82 -13.60
C28 ZDM D . 9.47 10.45 -12.93
C31 ZDM D . 9.98 9.35 -13.84
C34 ZDM D . 10.63 8.21 -13.09
O49 ZDM D . 8.67 16.75 -14.19
O55 ZDM D . 8.20 19.15 -16.38
C57 ZDM D . 3.70 18.64 -15.23
O61 ZDM D . 3.32 19.66 -14.31
C1B LMT E . -15.36 13.51 -16.41
C2B LMT E . -15.96 14.95 -16.49
C3B LMT E . -16.34 15.27 -17.93
C4B LMT E . -15.07 15.15 -18.71
C5B LMT E . -14.54 13.75 -18.69
C6B LMT E . -13.31 13.66 -19.62
O1B LMT E . -16.33 12.56 -16.80
O2B LMT E . -17.16 15.08 -15.72
O3B LMT E . -16.83 16.60 -18.15
O4' LMT E . -15.29 15.56 -20.07
O5B LMT E . -14.26 13.36 -17.32
O6B LMT E . -12.55 14.93 -19.72
C1' LMT E . -18.57 9.39 -15.45
C2' LMT E . -18.36 10.58 -14.59
C3' LMT E . -17.90 11.74 -15.34
C4' LMT E . -16.61 11.44 -15.97
C5' LMT E . -16.73 10.11 -16.76
C6' LMT E . -15.37 9.69 -17.28
O1' LMT E . -19.06 8.32 -14.66
O2' LMT E . -19.58 10.98 -14.04
O3' LMT E . -17.69 12.87 -14.52
O5' LMT E . -17.31 9.06 -16.00
O6' LMT E . -14.31 9.73 -16.31
C1 LMT E . -19.30 7.13 -15.46
C2 LMT E . -20.01 6.07 -14.60
C3 LMT E . -20.11 4.70 -15.28
C4 LMT E . -20.84 3.65 -14.40
C5 LMT E . -19.93 2.53 -13.90
C6 LMT E . -20.47 1.09 -13.95
C7 LMT E . -19.64 0.19 -13.00
C8 LMT E . -19.07 -1.06 -13.66
C9 LMT E . -18.22 -1.95 -12.72
C10 LMT E . -17.95 -3.40 -13.26
C11 LMT E . -16.54 -4.05 -13.04
C12 LMT E . -16.43 -5.26 -12.09
N NH4 F . -11.78 1.58 -0.78
N NH4 G . -8.30 5.30 -1.55
S SO4 H . -16.84 11.72 -9.33
O1 SO4 H . -17.39 12.20 -8.08
O2 SO4 H . -16.13 12.87 -9.98
O3 SO4 H . -17.95 11.26 -10.20
O4 SO4 H . -16.04 10.50 -9.02
#